data_3VIE
#
_entry.id   3VIE
#
_cell.length_a   88.787
_cell.length_b   49.179
_cell.length_c   55.818
_cell.angle_alpha   90.00
_cell.angle_beta   90.65
_cell.angle_gamma   90.00
#
_symmetry.space_group_name_H-M   'C 1 2 1'
#
loop_
_entity.id
_entity.type
_entity.pdbx_description
1 polymer 'Envelope glycoprotein gp160'
2 polymer Sifuvirtide
3 water water
#
loop_
_entity_poly.entity_id
_entity_poly.type
_entity_poly.pdbx_seq_one_letter_code
_entity_poly.pdbx_strand_id
1 'polypeptide(L)' (ACE)SGIVQQQNNLLRAIEAQQHLLQLTVWGIKQLQARIL A,C,E
2 'polypeptide(L)' (ACE)SWETWEREIENYTRQIYRILEESQEQQDRNERDLLE B,D,F
#
# COMPACT_ATOMS: atom_id res chain seq x y z
N SER A 2 10.12 -19.19 9.94
CA SER A 2 8.83 -18.82 10.48
C SER A 2 8.73 -17.35 10.74
N GLY A 3 9.80 -16.73 11.24
CA GLY A 3 9.71 -15.29 11.49
C GLY A 3 9.45 -14.49 10.21
N ILE A 4 10.09 -14.90 9.12
CA ILE A 4 9.88 -14.29 7.81
C ILE A 4 8.43 -14.52 7.32
N VAL A 5 7.89 -15.70 7.55
CA VAL A 5 6.54 -15.98 7.05
C VAL A 5 5.48 -15.23 7.86
N GLN A 6 5.72 -15.11 9.14
CA GLN A 6 4.81 -14.38 10.00
C GLN A 6 4.84 -12.90 9.61
N GLN A 7 6.02 -12.40 9.23
CA GLN A 7 6.15 -11.00 8.81
C GLN A 7 5.38 -10.80 7.47
N GLN A 8 5.42 -11.80 6.60
CA GLN A 8 4.65 -11.72 5.33
C GLN A 8 3.16 -11.65 5.59
N ASN A 9 2.70 -12.39 6.61
CA ASN A 9 1.29 -12.35 6.95
C ASN A 9 0.91 -10.90 7.40
N ASN A 10 1.77 -10.30 8.26
CA ASN A 10 1.64 -8.88 8.74
C ASN A 10 1.53 -7.92 7.53
N LEU A 11 2.48 -8.03 6.61
CA LEU A 11 2.49 -7.08 5.47
C LEU A 11 1.30 -7.28 4.58
N LEU A 12 0.93 -8.54 4.31
CA LEU A 12 -0.29 -8.79 3.52
C LEU A 12 -1.53 -8.14 4.17
N ARG A 13 -1.70 -8.30 5.48
CA ARG A 13 -2.86 -7.71 6.21
CA ARG A 13 -2.89 -7.72 6.13
C ARG A 13 -2.83 -6.17 6.05
N ALA A 14 -1.64 -5.61 6.10
CA ALA A 14 -1.52 -4.11 6.03
C ALA A 14 -1.96 -3.65 4.65
N ILE A 15 -1.50 -4.35 3.63
CA ILE A 15 -1.83 -3.97 2.25
C ILE A 15 -3.31 -4.16 2.01
N GLU A 16 -3.88 -5.20 2.58
CA GLU A 16 -5.32 -5.40 2.40
C GLU A 16 -6.11 -4.26 3.04
N ALA A 17 -5.71 -3.82 4.22
CA ALA A 17 -6.45 -2.77 4.93
C ALA A 17 -6.24 -1.47 4.15
N GLN A 18 -5.03 -1.29 3.62
CA GLN A 18 -4.79 -0.08 2.80
C GLN A 18 -5.64 -0.08 1.56
N GLN A 19 -5.87 -1.26 0.99
CA GLN A 19 -6.73 -1.32 -0.19
C GLN A 19 -8.15 -0.88 0.16
N HIS A 20 -8.65 -1.27 1.33
CA HIS A 20 -9.99 -0.81 1.72
C HIS A 20 -10.01 0.72 1.83
N LEU A 21 -8.96 1.26 2.45
CA LEU A 21 -8.87 2.73 2.55
C LEU A 21 -8.83 3.36 1.16
N LEU A 22 -8.05 2.79 0.25
CA LEU A 22 -7.96 3.33 -1.11
C LEU A 22 -9.34 3.28 -1.75
N GLN A 23 -10.10 2.22 -1.51
CA GLN A 23 -11.41 2.21 -2.19
C GLN A 23 -12.38 3.24 -1.54
N LEU A 24 -12.21 3.50 -0.27
CA LEU A 24 -12.98 4.60 0.36
C LEU A 24 -12.56 5.95 -0.27
N THR A 25 -11.28 6.18 -0.53
CA THR A 25 -10.91 7.49 -1.12
C THR A 25 -11.51 7.58 -2.54
N VAL A 26 -11.53 6.46 -3.28
CA VAL A 26 -12.12 6.47 -4.62
C VAL A 26 -13.61 6.82 -4.55
N TRP A 27 -14.27 6.26 -3.54
CA TRP A 27 -15.73 6.52 -3.38
C TRP A 27 -15.93 8.02 -3.13
N GLY A 28 -15.06 8.57 -2.29
CA GLY A 28 -15.18 9.98 -1.91
C GLY A 28 -14.99 10.87 -3.14
N ILE A 29 -14.00 10.55 -3.97
CA ILE A 29 -13.73 11.39 -5.14
C ILE A 29 -14.89 11.31 -6.12
N LYS A 30 -15.43 10.11 -6.30
CA LYS A 30 -16.58 9.98 -7.24
C LYS A 30 -17.78 10.72 -6.74
N GLN A 31 -18.00 10.70 -5.44
CA GLN A 31 -19.11 11.49 -4.85
C GLN A 31 -18.96 12.98 -5.18
N LEU A 32 -17.74 13.51 -5.05
CA LEU A 32 -17.56 14.94 -5.25
C LEU A 32 -17.54 15.29 -6.74
N GLN A 33 -17.01 14.40 -7.55
CA GLN A 33 -17.03 14.57 -9.01
C GLN A 33 -18.50 14.73 -9.45
N ALA A 34 -19.36 13.85 -8.95
CA ALA A 34 -20.79 13.83 -9.29
C ALA A 34 -21.47 15.13 -8.91
N ARG A 35 -21.16 15.65 -7.71
CA ARG A 35 -21.66 16.94 -7.27
CA ARG A 35 -21.69 16.93 -7.28
C ARG A 35 -21.23 18.04 -8.21
N ILE A 36 -19.92 18.19 -8.38
CA ILE A 36 -19.39 19.28 -9.22
C ILE A 36 -20.13 19.30 -10.55
N SER B 2 11.58 -21.05 -2.37
CA SER B 2 10.83 -20.52 -3.49
C SER B 2 9.56 -19.80 -3.01
N GLY B 3 8.83 -20.40 -2.07
CA GLY B 3 7.59 -19.81 -1.54
C GLY B 3 7.78 -18.49 -0.80
N ILE B 4 8.82 -18.35 0.02
CA ILE B 4 9.06 -17.07 0.70
C ILE B 4 9.47 -15.96 -0.27
N VAL B 5 10.35 -16.28 -1.20
CA VAL B 5 10.83 -15.29 -2.16
C VAL B 5 9.71 -14.97 -3.16
N GLN B 6 8.90 -15.97 -3.49
CA GLN B 6 7.74 -15.80 -4.34
CA GLN B 6 7.75 -15.76 -4.35
C GLN B 6 6.72 -14.89 -3.64
N GLN B 7 6.57 -15.09 -2.33
CA GLN B 7 5.61 -14.21 -1.58
C GLN B 7 6.16 -12.79 -1.53
N GLN B 8 7.48 -12.60 -1.46
CA GLN B 8 7.95 -11.21 -1.49
CA GLN B 8 8.04 -11.22 -1.54
C GLN B 8 7.67 -10.55 -2.87
N ASN B 9 7.80 -11.29 -3.93
CA ASN B 9 7.42 -10.73 -5.23
C ASN B 9 5.93 -10.39 -5.26
N ASN B 10 5.06 -11.25 -4.70
CA ASN B 10 3.59 -10.97 -4.69
C ASN B 10 3.30 -9.67 -3.96
N LEU B 11 3.90 -9.51 -2.78
CA LEU B 11 3.61 -8.29 -1.97
C LEU B 11 4.18 -7.06 -2.68
N LEU B 12 5.35 -7.18 -3.27
CA LEU B 12 5.93 -6.06 -4.05
C LEU B 12 4.98 -5.65 -5.19
N ARG B 13 4.44 -6.62 -5.90
CA ARG B 13 3.52 -6.27 -7.01
C ARG B 13 2.23 -5.64 -6.49
N ALA B 14 1.78 -6.09 -5.32
CA ALA B 14 0.55 -5.52 -4.74
C ALA B 14 0.83 -4.05 -4.41
N ILE B 15 2.00 -3.79 -3.83
CA ILE B 15 2.29 -2.38 -3.38
C ILE B 15 2.42 -1.49 -4.64
N GLU B 16 3.09 -2.04 -5.65
CA GLU B 16 3.19 -1.32 -6.94
C GLU B 16 1.83 -1.00 -7.55
N ALA B 17 0.91 -1.95 -7.52
CA ALA B 17 -0.43 -1.71 -8.09
C ALA B 17 -1.17 -0.66 -7.22
N GLN B 18 -1.02 -0.76 -5.91
CA GLN B 18 -1.67 0.20 -5.02
C GLN B 18 -1.04 1.59 -5.27
N GLN B 19 0.26 1.65 -5.59
CA GLN B 19 0.88 2.97 -5.88
C GLN B 19 0.22 3.55 -7.15
N HIS B 20 -0.05 2.73 -8.17
CA HIS B 20 -0.76 3.24 -9.40
CA HIS B 20 -0.73 3.27 -9.38
C HIS B 20 -2.11 3.79 -9.04
N LEU B 21 -2.83 3.08 -8.18
CA LEU B 21 -4.13 3.55 -7.71
C LEU B 21 -4.01 4.86 -6.93
N LEU B 22 -3.00 4.97 -6.07
CA LEU B 22 -2.80 6.20 -5.30
C LEU B 22 -2.51 7.41 -6.26
N GLN B 23 -1.69 7.20 -7.28
CA GLN B 23 -1.43 8.32 -8.24
C GLN B 23 -2.72 8.74 -8.90
N LEU B 24 -3.59 7.75 -9.19
CA LEU B 24 -4.91 8.08 -9.78
C LEU B 24 -5.80 8.86 -8.83
N THR B 25 -5.82 8.48 -7.53
CA THR B 25 -6.60 9.30 -6.58
C THR B 25 -5.98 10.70 -6.45
N VAL B 26 -4.65 10.82 -6.45
CA VAL B 26 -4.06 12.20 -6.38
C VAL B 26 -4.49 13.03 -7.61
N TRP B 27 -4.47 12.42 -8.78
CA TRP B 27 -4.90 13.16 -10.00
C TRP B 27 -6.37 13.63 -9.82
N GLY B 28 -7.22 12.72 -9.36
CA GLY B 28 -8.62 13.03 -9.21
C GLY B 28 -8.82 14.17 -8.24
N ILE B 29 -8.09 14.15 -7.11
CA ILE B 29 -8.25 15.27 -6.14
C ILE B 29 -7.78 16.62 -6.75
N LYS B 30 -6.72 16.55 -7.53
CA LYS B 30 -6.15 17.80 -8.13
C LYS B 30 -7.14 18.36 -9.13
N GLN B 31 -7.83 17.46 -9.85
CA GLN B 31 -8.84 17.91 -10.82
C GLN B 31 -9.97 18.64 -10.11
N LEU B 32 -10.46 18.07 -9.02
CA LEU B 32 -11.54 18.74 -8.23
C LEU B 32 -11.04 20.04 -7.57
N GLN B 33 -9.82 20.01 -7.06
CA GLN B 33 -9.27 21.15 -6.35
C GLN B 33 -9.29 22.36 -7.26
N ALA B 34 -8.94 22.15 -8.51
CA ALA B 34 -8.81 23.30 -9.47
C ALA B 34 -10.15 23.96 -9.68
N ARG B 35 -11.21 23.17 -9.61
CA ARG B 35 -12.55 23.64 -9.90
C ARG B 35 -13.21 24.24 -8.65
N ILE B 36 -13.07 23.55 -7.55
CA ILE B 36 -13.78 23.90 -6.34
C ILE B 36 -13.20 25.15 -5.67
N LEU B 37 -11.92 25.41 -5.84
CA LEU B 37 -11.35 26.70 -5.36
C LEU B 37 -10.73 27.53 -6.50
N SER C 2 19.47 -12.84 5.12
CA SER C 2 19.67 -11.40 5.15
C SER C 2 18.96 -10.67 4.03
N GLY C 3 19.03 -11.20 2.82
CA GLY C 3 18.47 -10.46 1.69
C GLY C 3 16.95 -10.44 1.80
N ILE C 4 16.41 -11.49 2.39
CA ILE C 4 14.96 -11.57 2.59
C ILE C 4 14.54 -10.63 3.74
N VAL C 5 15.26 -10.64 4.86
CA VAL C 5 14.90 -9.74 5.94
C VAL C 5 15.06 -8.26 5.54
N GLN C 6 16.11 -7.97 4.77
CA GLN C 6 16.37 -6.60 4.25
CA GLN C 6 16.31 -6.60 4.29
C GLN C 6 15.20 -6.18 3.35
N GLN C 7 14.78 -7.10 2.52
CA GLN C 7 13.66 -6.88 1.59
CA GLN C 7 13.70 -6.73 1.63
C GLN C 7 12.35 -6.62 2.36
N GLN C 8 12.13 -7.36 3.45
CA GLN C 8 10.91 -7.07 4.19
CA GLN C 8 10.93 -7.14 4.29
C GLN C 8 10.96 -5.73 4.84
N ASN C 9 12.16 -5.27 5.19
CA ASN C 9 12.19 -3.93 5.76
C ASN C 9 11.81 -2.92 4.67
N ASN C 10 12.29 -3.15 3.46
CA ASN C 10 11.92 -2.24 2.36
C ASN C 10 10.41 -2.25 2.05
N LEU C 11 9.79 -3.43 2.01
CA LEU C 11 8.35 -3.49 1.80
C LEU C 11 7.61 -2.79 2.93
N LEU C 12 8.09 -2.96 4.15
CA LEU C 12 7.48 -2.27 5.28
C LEU C 12 7.59 -0.73 5.11
N ARG C 13 8.75 -0.25 4.67
CA ARG C 13 8.96 1.19 4.46
CA ARG C 13 8.96 1.19 4.46
C ARG C 13 8.04 1.70 3.37
N ALA C 14 7.86 0.89 2.32
CA ALA C 14 6.99 1.34 1.21
C ALA C 14 5.55 1.48 1.72
N ILE C 15 5.11 0.49 2.50
CA ILE C 15 3.71 0.50 2.96
C ILE C 15 3.50 1.66 3.91
N GLU C 16 4.49 1.90 4.76
CA GLU C 16 4.41 3.05 5.64
CA GLU C 16 4.45 3.06 5.63
C GLU C 16 4.35 4.38 4.83
N ALA C 17 5.17 4.52 3.78
CA ALA C 17 5.15 5.78 2.98
C ALA C 17 3.80 5.88 2.26
N GLN C 18 3.27 4.75 1.79
CA GLN C 18 1.95 4.75 1.12
C GLN C 18 0.87 5.17 2.13
N GLN C 19 1.06 4.83 3.40
CA GLN C 19 0.06 5.19 4.41
C GLN C 19 0.07 6.72 4.55
N HIS C 20 1.24 7.32 4.60
CA HIS C 20 1.37 8.81 4.59
CA HIS C 20 1.19 8.79 4.69
C HIS C 20 0.63 9.44 3.42
N LEU C 21 0.83 8.85 2.25
CA LEU C 21 0.13 9.34 1.05
C LEU C 21 -1.38 9.20 1.18
N LEU C 22 -1.83 8.06 1.70
CA LEU C 22 -3.26 7.85 1.90
C LEU C 22 -3.82 8.88 2.90
N GLN C 23 -3.10 9.20 3.96
CA GLN C 23 -3.53 10.21 4.91
CA GLN C 23 -3.66 10.18 4.87
C GLN C 23 -3.69 11.53 4.18
N LEU C 24 -2.73 11.82 3.32
CA LEU C 24 -2.79 13.11 2.57
C LEU C 24 -3.98 13.12 1.60
N THR C 25 -4.27 11.99 0.98
CA THR C 25 -5.43 12.01 0.06
C THR C 25 -6.74 12.16 0.87
N VAL C 26 -6.81 11.58 2.06
CA VAL C 26 -8.02 11.75 2.88
C VAL C 26 -8.14 13.20 3.33
N TRP C 27 -7.03 13.83 3.71
CA TRP C 27 -7.14 15.25 4.11
C TRP C 27 -7.65 16.05 2.92
N GLY C 28 -7.15 15.79 1.73
CA GLY C 28 -7.63 16.60 0.59
C GLY C 28 -9.09 16.39 0.30
N ILE C 29 -9.55 15.14 0.36
CA ILE C 29 -10.99 14.90 0.09
C ILE C 29 -11.84 15.58 1.13
N LYS C 30 -11.44 15.53 2.39
CA LYS C 30 -12.20 16.22 3.46
C LYS C 30 -12.23 17.72 3.22
N GLN C 31 -11.11 18.31 2.82
CA GLN C 31 -11.14 19.76 2.45
C GLN C 31 -12.14 20.05 1.37
N LEU C 32 -12.06 19.29 0.28
CA LEU C 32 -13.00 19.54 -0.84
C LEU C 32 -14.43 19.33 -0.45
N GLN C 33 -14.69 18.29 0.32
CA GLN C 33 -16.05 18.01 0.78
C GLN C 33 -16.58 19.19 1.63
N ALA C 34 -15.72 19.76 2.48
CA ALA C 34 -16.16 20.88 3.33
C ALA C 34 -16.46 22.08 2.46
N ARG C 35 -15.73 22.25 1.37
CA ARG C 35 -15.99 23.43 0.46
CA ARG C 35 -16.00 23.41 0.50
C ARG C 35 -17.25 23.22 -0.37
N ILE C 36 -17.56 21.97 -0.73
CA ILE C 36 -18.75 21.69 -1.57
C ILE C 36 -20.10 21.53 -0.79
N LEU C 37 -20.07 20.75 0.29
CA LEU C 37 -21.27 20.39 0.99
C LEU C 37 -21.19 20.92 2.41
N SER D 2 -12.47 12.74 -19.70
CA SER D 2 -11.33 12.28 -18.92
C SER D 2 -11.75 11.60 -17.58
N TRP D 3 -12.88 11.89 -16.92
CA TRP D 3 -13.22 11.10 -15.74
CA TRP D 3 -13.31 11.09 -15.73
C TRP D 3 -13.65 9.67 -16.11
N GLU D 4 -14.20 9.50 -17.30
CA GLU D 4 -14.51 8.16 -17.80
C GLU D 4 -13.23 7.37 -17.94
N THR D 5 -12.18 8.04 -18.39
CA THR D 5 -10.89 7.37 -18.56
C THR D 5 -10.29 7.02 -17.19
N TRP D 6 -10.39 7.98 -16.28
CA TRP D 6 -9.99 7.77 -14.90
C TRP D 6 -10.72 6.60 -14.29
N GLU D 7 -12.04 6.51 -14.44
CA GLU D 7 -12.80 5.36 -13.91
C GLU D 7 -12.27 4.04 -14.50
N ARG D 8 -11.98 4.06 -15.78
CA ARG D 8 -11.49 2.83 -16.41
C ARG D 8 -10.12 2.42 -15.85
N GLU D 9 -9.24 3.39 -15.59
CA GLU D 9 -7.92 3.04 -15.05
C GLU D 9 -8.11 2.57 -13.60
N ILE D 10 -8.96 3.26 -12.82
CA ILE D 10 -9.28 2.73 -11.45
C ILE D 10 -9.77 1.28 -11.48
N GLU D 11 -10.70 0.96 -12.39
CA GLU D 11 -11.27 -0.39 -12.42
CA GLU D 11 -11.28 -0.38 -12.45
C GLU D 11 -10.19 -1.39 -12.78
N ASN D 12 -9.37 -1.02 -13.73
CA ASN D 12 -8.30 -1.90 -14.20
CA ASN D 12 -8.35 -1.93 -14.20
C ASN D 12 -7.34 -2.27 -13.07
N TYR D 13 -6.81 -1.24 -12.41
CA TYR D 13 -5.85 -1.52 -11.32
C TYR D 13 -6.50 -2.17 -10.12
N THR D 14 -7.76 -1.85 -9.83
CA THR D 14 -8.46 -2.52 -8.72
C THR D 14 -8.53 -4.01 -9.03
N ARG D 15 -8.89 -4.37 -10.25
CA ARG D 15 -8.98 -5.79 -10.62
CA ARG D 15 -8.98 -5.78 -10.64
C ARG D 15 -7.61 -6.45 -10.46
N GLN D 16 -6.55 -5.76 -10.89
CA GLN D 16 -5.16 -6.28 -10.82
C GLN D 16 -4.80 -6.52 -9.38
N ILE D 17 -5.06 -5.54 -8.53
CA ILE D 17 -4.65 -5.75 -7.09
C ILE D 17 -5.47 -6.82 -6.41
N TYR D 18 -6.74 -6.94 -6.74
CA TYR D 18 -7.53 -8.01 -6.10
C TYR D 18 -7.04 -9.41 -6.51
N ARG D 19 -6.62 -9.55 -7.77
CA ARG D 19 -6.00 -10.77 -8.24
CA ARG D 19 -6.00 -10.78 -8.23
C ARG D 19 -4.70 -11.03 -7.47
N ILE D 20 -3.85 -10.03 -7.39
CA ILE D 20 -2.59 -10.18 -6.64
C ILE D 20 -2.86 -10.52 -5.17
N LEU D 21 -3.84 -9.90 -4.52
CA LEU D 21 -4.12 -10.23 -3.11
C LEU D 21 -4.59 -11.68 -2.98
N GLU D 22 -5.36 -12.14 -3.94
CA GLU D 22 -5.85 -13.53 -3.91
CA GLU D 22 -5.83 -13.50 -3.87
C GLU D 22 -4.68 -14.50 -4.03
N GLU D 23 -3.78 -14.23 -4.95
CA GLU D 23 -2.60 -15.11 -5.13
C GLU D 23 -1.73 -15.08 -3.89
N SER D 24 -1.60 -13.88 -3.32
CA SER D 24 -0.83 -13.69 -2.07
C SER D 24 -1.42 -14.45 -0.89
N GLN D 25 -2.75 -14.46 -0.77
N GLN D 25 -2.74 -14.47 -0.76
CA GLN D 25 -3.44 -15.20 0.29
CA GLN D 25 -3.36 -15.23 0.34
C GLN D 25 -3.20 -16.70 0.16
C GLN D 25 -3.12 -16.71 0.16
N GLU D 26 -3.26 -17.17 -1.07
CA GLU D 26 -3.02 -18.61 -1.36
CA GLU D 26 -3.03 -18.61 -1.35
C GLU D 26 -1.58 -18.96 -1.04
N GLN D 27 -0.67 -18.11 -1.43
CA GLN D 27 0.75 -18.41 -1.16
C GLN D 27 1.07 -18.35 0.33
N GLN D 28 0.42 -17.42 1.05
CA GLN D 28 0.65 -17.31 2.49
C GLN D 28 0.19 -18.64 3.14
N ASP D 29 -0.98 -19.09 2.73
CA ASP D 29 -1.47 -20.40 3.29
C ASP D 29 -0.50 -21.51 3.03
N ARG D 30 0.02 -21.57 1.81
CA ARG D 30 0.97 -22.66 1.42
CA ARG D 30 0.93 -22.68 1.49
C ARG D 30 2.24 -22.56 2.26
N ASN D 31 2.77 -21.33 2.42
CA ASN D 31 4.01 -21.23 3.17
C ASN D 31 3.77 -21.63 4.64
N GLU D 32 2.65 -21.25 5.20
CA GLU D 32 2.43 -21.54 6.63
C GLU D 32 2.27 -23.06 6.79
N ARG D 33 1.52 -23.67 5.88
CA ARG D 33 1.35 -25.14 6.01
C ARG D 33 2.64 -25.90 5.76
N ASP D 34 3.46 -25.46 4.81
CA ASP D 34 4.78 -26.08 4.62
C ASP D 34 5.60 -26.06 5.90
N LEU D 35 5.57 -24.96 6.64
CA LEU D 35 6.36 -24.88 7.85
C LEU D 35 5.77 -25.76 8.91
N LEU D 36 4.45 -25.80 9.01
CA LEU D 36 3.86 -26.60 10.09
C LEU D 36 4.08 -28.09 9.77
N GLU D 37 3.94 -28.45 8.52
CA GLU D 37 3.80 -29.86 8.11
C GLU D 37 5.18 -30.46 7.94
N SER E 2 -2.59 25.87 2.79
CA SER E 2 -2.49 24.47 3.14
C SER E 2 -2.35 23.63 1.86
N TRP E 3 -3.02 23.99 0.77
CA TRP E 3 -2.94 23.13 -0.42
CA TRP E 3 -2.96 23.19 -0.47
C TRP E 3 -1.60 23.17 -1.15
N GLU E 4 -0.89 24.29 -1.08
CA GLU E 4 0.48 24.32 -1.63
C GLU E 4 1.32 23.38 -0.78
N THR E 5 1.10 23.36 0.52
CA THR E 5 1.86 22.39 1.33
C THR E 5 1.49 20.90 1.04
N TRP E 6 0.20 20.63 0.92
CA TRP E 6 -0.27 19.29 0.51
C TRP E 6 0.40 18.84 -0.77
N GLU E 7 0.47 19.72 -1.77
CA GLU E 7 1.07 19.34 -3.06
C GLU E 7 2.56 18.99 -2.88
N ARG E 8 3.27 19.77 -2.09
CA ARG E 8 4.68 19.42 -1.85
C ARG E 8 4.84 18.11 -1.05
N GLU E 9 3.94 17.83 -0.12
CA GLU E 9 4.08 16.59 0.68
C GLU E 9 3.73 15.39 -0.18
N ILE E 10 2.69 15.47 -1.00
CA ILE E 10 2.42 14.43 -1.99
C ILE E 10 3.71 14.19 -2.78
N GLU E 11 4.38 15.24 -3.26
CA GLU E 11 5.56 15.02 -4.11
CA GLU E 11 5.57 15.04 -4.12
C GLU E 11 6.66 14.34 -3.34
N ASN E 12 6.94 14.85 -2.14
CA ASN E 12 7.99 14.27 -1.30
CA ASN E 12 7.95 14.28 -1.27
C ASN E 12 7.75 12.77 -1.05
N TYR E 13 6.55 12.38 -0.61
CA TYR E 13 6.29 10.96 -0.32
C TYR E 13 6.26 10.13 -1.59
N THR E 14 5.76 10.69 -2.68
CA THR E 14 5.76 9.93 -3.90
C THR E 14 7.20 9.63 -4.33
N ARG E 15 8.08 10.60 -4.22
CA ARG E 15 9.48 10.36 -4.62
C ARG E 15 10.12 9.25 -3.77
N GLN E 16 9.88 9.33 -2.48
CA GLN E 16 10.39 8.32 -1.54
C GLN E 16 9.88 6.93 -1.93
N ILE E 17 8.59 6.81 -2.21
CA ILE E 17 8.05 5.48 -2.49
C ILE E 17 8.65 4.92 -3.74
N TYR E 18 8.82 5.75 -4.76
CA TYR E 18 9.43 5.28 -5.98
C TYR E 18 10.88 4.86 -5.76
N ARG E 19 11.63 5.53 -4.89
CA ARG E 19 13.00 5.07 -4.61
CA ARG E 19 12.99 5.09 -4.56
C ARG E 19 12.95 3.74 -3.84
N ILE E 20 12.05 3.62 -2.87
CA ILE E 20 11.99 2.36 -2.09
C ILE E 20 11.58 1.23 -3.04
N LEU E 21 10.65 1.50 -3.96
CA LEU E 21 10.17 0.44 -4.88
C LEU E 21 11.30 0.04 -5.81
N GLU E 22 12.09 1.03 -6.26
CA GLU E 22 13.24 0.68 -7.05
C GLU E 22 14.24 -0.18 -6.26
N GLU E 23 14.58 0.22 -5.04
CA GLU E 23 15.52 -0.63 -4.26
C GLU E 23 14.92 -2.03 -4.03
N SER E 24 13.60 -2.10 -3.85
CA SER E 24 12.94 -3.39 -3.52
C SER E 24 13.00 -4.31 -4.71
N GLN E 25 12.88 -3.72 -5.89
CA GLN E 25 12.98 -4.49 -7.13
CA GLN E 25 12.98 -4.53 -7.09
C GLN E 25 14.41 -5.04 -7.28
N GLU E 26 15.41 -4.19 -7.03
CA GLU E 26 16.81 -4.64 -7.08
CA GLU E 26 16.81 -4.64 -7.06
C GLU E 26 17.03 -5.80 -6.09
N GLN E 27 16.41 -5.71 -4.91
CA GLN E 27 16.60 -6.76 -3.90
CA GLN E 27 16.61 -6.75 -3.91
C GLN E 27 15.88 -8.03 -4.29
N GLN E 28 14.71 -7.89 -4.94
CA GLN E 28 13.96 -9.08 -5.40
C GLN E 28 14.85 -9.84 -6.36
N ASP E 29 15.42 -9.09 -7.30
CA ASP E 29 16.28 -9.65 -8.34
C ASP E 29 17.47 -10.36 -7.71
N ARG E 30 18.13 -9.73 -6.75
CA ARG E 30 19.26 -10.37 -6.06
CA ARG E 30 19.25 -10.37 -6.07
C ARG E 30 18.84 -11.63 -5.28
N ASN E 31 17.73 -11.55 -4.55
CA ASN E 31 17.28 -12.70 -3.78
C ASN E 31 16.93 -13.88 -4.71
N GLU E 32 16.30 -13.61 -5.84
CA GLU E 32 15.99 -14.72 -6.74
C GLU E 32 17.26 -15.33 -7.32
N ARG E 33 18.21 -14.51 -7.75
CA ARG E 33 19.46 -15.08 -8.23
C ARG E 33 20.18 -15.92 -7.18
N ASP E 34 20.24 -15.41 -5.95
CA ASP E 34 20.90 -16.13 -4.85
C ASP E 34 20.21 -17.46 -4.55
N LEU E 35 18.90 -17.50 -4.75
CA LEU E 35 18.18 -18.74 -4.46
C LEU E 35 18.68 -19.85 -5.39
N LEU E 36 18.96 -19.45 -6.62
CA LEU E 36 19.27 -20.36 -7.69
C LEU E 36 20.67 -20.90 -7.49
N GLU E 37 21.66 -20.03 -7.31
CA GLU E 37 22.97 -20.52 -6.91
C GLU E 37 22.85 -21.40 -5.68
N SER F 2 -24.16 8.99 4.09
CA SER F 2 -23.09 9.15 3.10
C SER F 2 -21.76 9.40 3.80
N TRP F 3 -21.45 10.67 4.05
CA TRP F 3 -20.11 11.04 4.53
CA TRP F 3 -20.10 11.06 4.54
C TRP F 3 -19.82 10.72 5.99
N GLU F 4 -20.85 10.64 6.82
CA GLU F 4 -20.68 10.27 8.22
C GLU F 4 -20.12 8.85 8.36
N THR F 5 -20.68 7.96 7.56
CA THR F 5 -20.24 6.56 7.49
C THR F 5 -18.86 6.50 6.86
N TRP F 6 -18.63 7.27 5.81
CA TRP F 6 -17.30 7.32 5.19
C TRP F 6 -16.20 7.66 6.22
N GLU F 7 -16.41 8.73 7.01
CA GLU F 7 -15.46 9.17 8.01
CA GLU F 7 -15.42 9.17 7.96
C GLU F 7 -15.23 8.08 9.04
N ARG F 8 -16.31 7.42 9.44
CA ARG F 8 -16.19 6.28 10.41
C ARG F 8 -15.32 5.14 9.88
N GLU F 9 -15.57 4.74 8.61
CA GLU F 9 -14.82 3.65 7.98
C GLU F 9 -13.36 4.11 7.82
N ILE F 10 -13.15 5.37 7.42
CA ILE F 10 -11.77 5.81 7.29
C ILE F 10 -11.06 5.67 8.65
N GLU F 11 -11.70 6.08 9.74
CA GLU F 11 -11.06 6.01 11.05
CA GLU F 11 -11.00 6.01 11.02
C GLU F 11 -10.79 4.56 11.45
N ASN F 12 -11.74 3.70 11.19
CA ASN F 12 -11.61 2.29 11.55
C ASN F 12 -10.42 1.65 10.81
N TYR F 13 -10.35 1.83 9.50
CA TYR F 13 -9.25 1.14 8.79
C TYR F 13 -7.88 1.77 9.13
N THR F 14 -7.88 3.06 9.37
CA THR F 14 -6.63 3.75 9.71
C THR F 14 -6.11 3.20 11.05
N ARG F 15 -7.03 3.05 12.01
CA ARG F 15 -6.61 2.48 13.29
C ARG F 15 -6.06 1.05 13.08
N GLN F 16 -6.72 0.28 12.23
CA GLN F 16 -6.23 -1.12 12.03
C GLN F 16 -4.85 -1.10 11.43
N ILE F 17 -4.69 -0.30 10.39
CA ILE F 17 -3.38 -0.23 9.73
C ILE F 17 -2.28 0.15 10.68
N TYR F 18 -2.51 1.18 11.49
CA TYR F 18 -1.47 1.55 12.43
C TYR F 18 -1.11 0.41 13.38
N ARG F 19 -2.11 -0.37 13.81
CA ARG F 19 -1.82 -1.45 14.73
C ARG F 19 -0.94 -2.46 13.95
N ILE F 20 -1.34 -2.75 12.72
CA ILE F 20 -0.60 -3.80 11.95
C ILE F 20 0.82 -3.29 11.69
N LEU F 21 0.97 -2.00 11.36
CA LEU F 21 2.33 -1.47 11.11
C LEU F 21 3.20 -1.58 12.38
N GLU F 22 2.64 -1.32 13.56
CA GLU F 22 3.44 -1.42 14.78
CA GLU F 22 3.42 -1.45 14.80
C GLU F 22 3.84 -2.87 14.99
N GLU F 23 2.90 -3.80 14.84
CA GLU F 23 3.25 -5.23 14.99
C GLU F 23 4.32 -5.62 13.97
N SER F 24 4.20 -5.12 12.74
CA SER F 24 5.16 -5.48 11.71
C SER F 24 6.55 -4.91 12.07
N GLN F 25 6.62 -3.71 12.65
CA GLN F 25 7.92 -3.16 13.03
CA GLN F 25 7.91 -3.13 13.05
C GLN F 25 8.54 -3.99 14.16
N GLU F 26 7.73 -4.46 15.08
CA GLU F 26 8.28 -5.30 16.14
C GLU F 26 8.76 -6.62 15.56
N GLN F 27 8.04 -7.17 14.58
CA GLN F 27 8.49 -8.42 13.97
C GLN F 27 9.76 -8.17 13.20
N GLN F 28 9.86 -7.00 12.55
CA GLN F 28 11.08 -6.71 11.77
C GLN F 28 12.26 -6.72 12.74
N ASP F 29 12.11 -6.02 13.85
CA ASP F 29 13.18 -5.88 14.81
C ASP F 29 13.61 -7.28 15.29
N ARG F 30 12.66 -8.15 15.62
CA ARG F 30 12.97 -9.53 16.04
CA ARG F 30 12.96 -9.50 16.05
C ARG F 30 13.68 -10.31 14.96
N ASN F 31 13.20 -10.20 13.74
CA ASN F 31 13.84 -10.97 12.68
C ASN F 31 15.28 -10.48 12.48
N GLU F 32 15.51 -9.18 12.55
CA GLU F 32 16.86 -8.70 12.32
C GLU F 32 17.79 -9.15 13.45
N ARG F 33 17.30 -9.19 14.69
CA ARG F 33 18.12 -9.70 15.79
CA ARG F 33 18.07 -9.72 15.83
C ARG F 33 18.37 -11.21 15.68
N ASP F 34 17.38 -11.97 15.27
CA ASP F 34 17.55 -13.40 15.11
C ASP F 34 18.53 -13.74 14.03
N LEU F 35 18.72 -12.81 13.07
CA LEU F 35 19.67 -13.02 11.98
C LEU F 35 21.06 -13.37 12.56
N LEU F 36 21.39 -12.75 13.68
CA LEU F 36 22.75 -12.86 14.26
C LEU F 36 22.87 -13.92 15.29
N GLU F 37 21.88 -14.80 15.32
CA GLU F 37 21.97 -15.96 16.14
C GLU F 37 22.45 -17.10 15.24
#